data_9M2Y
#
_entry.id   9M2Y
#
_cell.length_a   45.360
_cell.length_b   70.911
_cell.length_c   90.204
_cell.angle_alpha   90.00
_cell.angle_beta   90.00
_cell.angle_gamma   90.00
#
_symmetry.space_group_name_H-M   'C 2 2 21'
#
loop_
_entity.id
_entity.type
_entity.pdbx_description
1 polymer 'DUF3237 protein'
2 non-polymer 6-[(2E,4E,6E)-6-methylocta-2,4,6-trien-2-yl]-4-oxidanyl-pyran-2-one
3 water water
#
_entity_poly.entity_id   1
_entity_poly.type   'polypeptide(L)'
_entity_poly.pdbx_seq_one_letter_code
;MGSSHHHHHHSSGLVPRGSHMTYLFSATVNLGGALAPIPLLGGGTRVVEPITGGTIYGPGFNATIEGGLAAPILIKENGT
TSQLPWVYAYGHASDGSPFYIEEDGIGSSATQNTRLIIQVGGKYADLQKMYVLGQPSVNEERTVATVECWSHHHHHH
;
_entity_poly.pdbx_strand_id   A
#
# COMPACT_ATOMS: atom_id res chain seq x y z
N HIS A 20 5.94 21.80 5.89
CA HIS A 20 5.06 20.99 6.73
C HIS A 20 4.57 19.68 6.14
N MET A 21 4.28 19.66 4.85
CA MET A 21 3.81 18.43 4.20
C MET A 21 4.17 18.51 2.73
N THR A 22 4.68 17.41 2.19
CA THR A 22 5.13 17.40 0.81
C THR A 22 4.59 16.20 0.06
N TYR A 23 3.97 16.47 -1.08
CA TYR A 23 3.51 15.39 -1.94
C TYR A 23 4.71 14.65 -2.50
N LEU A 24 4.67 13.33 -2.41
CA LEU A 24 5.75 12.48 -2.88
C LEU A 24 5.41 11.69 -4.14
N PHE A 25 4.30 10.95 -4.14
CA PHE A 25 3.97 10.10 -5.27
C PHE A 25 2.55 9.59 -5.10
N SER A 26 1.99 9.10 -6.21
CA SER A 26 0.80 8.27 -6.25
C SER A 26 1.18 6.87 -6.72
N ALA A 27 0.36 5.89 -6.39
CA ALA A 27 0.58 4.53 -6.89
C ALA A 27 -0.71 4.00 -7.49
N THR A 28 -0.60 3.29 -8.59
CA THR A 28 -1.69 2.48 -9.15
C THR A 28 -1.29 1.03 -9.00
N VAL A 29 -2.11 0.24 -8.31
CA VAL A 29 -1.76 -1.13 -7.97
C VAL A 29 -2.82 -2.07 -8.54
N ASN A 30 -2.38 -3.01 -9.37
CA ASN A 30 -3.27 -4.02 -9.94
C ASN A 30 -3.39 -5.18 -8.98
N LEU A 31 -4.64 -5.59 -8.71
CA LEU A 31 -4.94 -6.61 -7.73
C LEU A 31 -5.44 -7.85 -8.45
N GLY A 32 -4.93 -9.00 -8.05
CA GLY A 32 -5.34 -10.26 -8.62
C GLY A 32 -6.53 -10.81 -7.90
N GLY A 33 -6.83 -12.06 -8.22
CA GLY A 33 -7.93 -12.77 -7.61
C GLY A 33 -7.79 -12.89 -6.11
N ALA A 34 -8.66 -12.20 -5.39
CA ALA A 34 -8.64 -12.24 -3.95
C ALA A 34 -9.11 -13.59 -3.45
N LEU A 35 -8.63 -13.97 -2.28
N LEU A 35 -8.62 -13.98 -2.28
CA LEU A 35 -9.13 -15.17 -1.63
CA LEU A 35 -9.12 -15.18 -1.62
C LEU A 35 -10.41 -14.79 -0.90
C LEU A 35 -10.41 -14.80 -0.89
N ALA A 36 -11.29 -15.78 -0.73
CA ALA A 36 -12.49 -15.58 0.08
C ALA A 36 -12.09 -15.17 1.50
N PRO A 37 -12.94 -14.41 2.20
CA PRO A 37 -12.58 -13.99 3.57
C PRO A 37 -12.32 -15.19 4.47
N ILE A 38 -11.29 -15.04 5.28
CA ILE A 38 -10.89 -16.02 6.30
C ILE A 38 -11.52 -15.59 7.61
N PRO A 39 -12.31 -16.43 8.26
CA PRO A 39 -12.95 -16.03 9.52
C PRO A 39 -11.92 -16.09 10.65
N LEU A 40 -11.81 -15.01 11.40
CA LEU A 40 -10.87 -14.95 12.50
C LEU A 40 -11.58 -15.13 13.83
N LEU A 41 -10.85 -15.69 14.79
CA LEU A 41 -11.38 -15.78 16.12
C LEU A 41 -11.78 -14.39 16.59
N GLY A 42 -12.98 -14.26 17.12
CA GLY A 42 -13.48 -13.01 17.60
C GLY A 42 -14.43 -12.33 16.65
N GLY A 43 -14.43 -12.74 15.38
CA GLY A 43 -15.46 -12.32 14.45
C GLY A 43 -14.94 -11.51 13.26
N GLY A 44 -13.68 -11.09 13.25
CA GLY A 44 -13.13 -10.37 12.10
C GLY A 44 -12.92 -11.29 10.91
N THR A 45 -12.51 -10.71 9.79
CA THR A 45 -12.15 -11.50 8.61
C THR A 45 -10.84 -10.95 8.05
N ARG A 46 -10.03 -11.87 7.50
CA ARG A 46 -8.81 -11.48 6.79
C ARG A 46 -9.05 -11.72 5.30
N VAL A 47 -8.80 -10.72 4.46
CA VAL A 47 -8.99 -10.86 3.01
C VAL A 47 -7.61 -10.71 2.35
N VAL A 48 -7.17 -11.73 1.62
CA VAL A 48 -5.86 -11.73 0.97
C VAL A 48 -6.07 -11.31 -0.48
N GLU A 49 -5.40 -10.23 -0.89
CA GLU A 49 -5.48 -9.67 -2.23
C GLU A 49 -4.07 -9.64 -2.81
N PRO A 50 -3.70 -10.61 -3.65
CA PRO A 50 -2.39 -10.58 -4.31
C PRO A 50 -2.23 -9.34 -5.19
N ILE A 51 -1.02 -8.79 -5.21
CA ILE A 51 -0.68 -7.67 -6.09
C ILE A 51 0.03 -8.23 -7.31
N THR A 52 -0.47 -7.88 -8.50
CA THR A 52 0.09 -8.41 -9.73
C THR A 52 0.98 -7.42 -10.46
N GLY A 53 0.94 -6.16 -10.12
CA GLY A 53 1.79 -5.18 -10.77
C GLY A 53 1.32 -3.80 -10.42
N GLY A 54 1.89 -2.79 -11.05
CA GLY A 54 1.43 -1.45 -10.83
C GLY A 54 2.59 -0.49 -11.02
N THR A 55 2.29 0.78 -10.81
N THR A 55 2.29 0.78 -10.81
CA THR A 55 3.27 1.83 -11.05
CA THR A 55 3.27 1.83 -11.05
C THR A 55 3.18 2.88 -9.95
C THR A 55 3.18 2.88 -9.95
N ILE A 56 4.33 3.46 -9.62
CA ILE A 56 4.47 4.55 -8.67
C ILE A 56 5.04 5.73 -9.45
N TYR A 57 4.43 6.90 -9.29
CA TYR A 57 4.84 8.05 -10.09
C TYR A 57 4.69 9.32 -9.29
N GLY A 58 5.64 10.22 -9.42
CA GLY A 58 5.54 11.49 -8.73
C GLY A 58 6.87 12.17 -8.60
N PRO A 59 6.87 13.31 -7.92
CA PRO A 59 8.15 14.04 -7.77
C PRO A 59 9.11 13.35 -6.83
N GLY A 60 8.63 12.52 -5.90
CA GLY A 60 9.46 11.93 -4.88
C GLY A 60 9.80 10.48 -5.04
N PHE A 61 9.16 9.80 -5.98
CA PHE A 61 9.40 8.37 -6.15
C PHE A 61 8.75 7.97 -7.45
N ASN A 62 9.47 7.19 -8.26
CA ASN A 62 8.99 6.59 -9.51
C ASN A 62 9.47 5.16 -9.52
N ALA A 63 8.59 4.20 -9.80
CA ALA A 63 8.97 2.80 -9.68
C ALA A 63 7.92 1.93 -10.34
N THR A 64 8.31 0.70 -10.58
CA THR A 64 7.40 -0.34 -11.06
C THR A 64 7.17 -1.36 -9.96
N ILE A 65 5.89 -1.60 -9.62
CA ILE A 65 5.51 -2.63 -8.67
C ILE A 65 5.50 -3.96 -9.38
N GLU A 66 6.20 -4.94 -8.80
CA GLU A 66 6.30 -6.26 -9.38
C GLU A 66 5.47 -7.33 -8.68
N GLY A 67 5.13 -7.13 -7.41
CA GLY A 67 4.44 -8.19 -6.71
C GLY A 67 4.19 -7.73 -5.29
N GLY A 68 3.58 -8.61 -4.51
CA GLY A 68 3.25 -8.37 -3.11
C GLY A 68 1.83 -8.82 -2.84
N LEU A 69 1.30 -8.35 -1.73
CA LEU A 69 -0.07 -8.67 -1.36
C LEU A 69 -0.58 -7.61 -0.40
N ALA A 70 -1.88 -7.40 -0.43
CA ALA A 70 -2.59 -6.69 0.64
C ALA A 70 -3.27 -7.76 1.48
N ALA A 71 -3.32 -7.56 2.80
CA ALA A 71 -3.98 -8.53 3.67
C ALA A 71 -4.75 -7.77 4.72
N PRO A 72 -5.75 -6.97 4.29
CA PRO A 72 -6.54 -6.23 5.27
C PRO A 72 -7.33 -7.14 6.20
N ILE A 73 -7.55 -6.62 7.38
CA ILE A 73 -8.41 -7.24 8.37
C ILE A 73 -9.63 -6.35 8.50
N LEU A 74 -10.81 -6.96 8.36
CA LEU A 74 -12.07 -6.28 8.57
C LEU A 74 -12.60 -6.65 9.95
N ILE A 75 -12.87 -5.65 10.80
CA ILE A 75 -13.34 -5.92 12.16
C ILE A 75 -14.48 -4.97 12.48
N LYS A 76 -15.58 -5.50 12.99
CA LYS A 76 -16.70 -4.68 13.42
C LYS A 76 -16.54 -4.33 14.89
N GLU A 77 -16.57 -3.02 15.21
CA GLU A 77 -16.56 -2.57 16.59
C GLU A 77 -17.60 -1.48 16.76
N ASN A 78 -18.50 -1.69 17.71
CA ASN A 78 -19.60 -0.77 17.98
C ASN A 78 -20.41 -0.49 16.73
N GLY A 79 -20.70 -1.56 15.97
CA GLY A 79 -21.62 -1.47 14.85
C GLY A 79 -21.06 -0.93 13.57
N THR A 80 -19.75 -0.69 13.49
CA THR A 80 -19.15 -0.12 12.30
C THR A 80 -17.92 -0.93 11.92
N THR A 81 -17.81 -1.26 10.63
N THR A 81 -17.81 -1.30 10.65
CA THR A 81 -16.68 -2.03 10.14
CA THR A 81 -16.66 -2.07 10.19
C THR A 81 -15.48 -1.11 9.94
C THR A 81 -15.49 -1.13 9.94
N SER A 82 -14.37 -1.40 10.61
CA SER A 82 -13.12 -0.72 10.33
C SER A 82 -12.25 -1.68 9.55
N GLN A 83 -11.51 -1.16 8.58
CA GLN A 83 -10.60 -1.98 7.80
C GLN A 83 -9.18 -1.62 8.24
N LEU A 84 -8.44 -2.62 8.72
CA LEU A 84 -7.07 -2.37 9.13
C LEU A 84 -6.16 -2.83 8.02
N PRO A 85 -5.52 -1.92 7.29
CA PRO A 85 -4.74 -2.34 6.14
C PRO A 85 -3.38 -2.86 6.57
N TRP A 86 -2.96 -3.90 5.86
CA TRP A 86 -1.63 -4.46 5.87
C TRP A 86 -1.28 -4.71 4.42
N VAL A 87 -0.18 -4.14 3.97
CA VAL A 87 0.23 -4.24 2.58
C VAL A 87 1.74 -4.42 2.52
N TYR A 88 2.19 -5.32 1.63
CA TYR A 88 3.60 -5.62 1.42
C TYR A 88 3.82 -5.67 -0.09
N ALA A 89 4.68 -4.80 -0.61
CA ALA A 89 4.87 -4.71 -2.06
C ALA A 89 6.34 -4.50 -2.39
N TYR A 90 6.73 -4.89 -3.60
CA TYR A 90 8.13 -4.81 -3.95
C TYR A 90 8.21 -4.59 -5.43
N GLY A 91 9.38 -4.12 -5.85
CA GLY A 91 9.60 -3.83 -7.27
C GLY A 91 10.96 -3.16 -7.44
N HIS A 92 11.10 -2.46 -8.57
CA HIS A 92 12.28 -1.65 -8.81
C HIS A 92 11.92 -0.22 -9.12
N ALA A 93 12.72 0.68 -8.58
CA ALA A 93 12.61 2.10 -8.84
C ALA A 93 13.16 2.40 -10.21
N SER A 94 12.89 3.64 -10.66
CA SER A 94 13.22 4.06 -12.02
C SER A 94 14.70 4.01 -12.30
N ASP A 95 15.54 4.10 -11.27
CA ASP A 95 16.97 3.96 -11.39
C ASP A 95 17.45 2.52 -11.30
N GLY A 96 16.51 1.57 -11.20
CA GLY A 96 16.88 0.17 -11.11
C GLY A 96 16.94 -0.39 -9.71
N SER A 97 16.81 0.44 -8.69
CA SER A 97 17.06 -0.02 -7.33
C SER A 97 15.88 -0.84 -6.82
N PRO A 98 16.09 -2.02 -6.25
CA PRO A 98 14.97 -2.77 -5.67
C PRO A 98 14.36 -2.01 -4.50
N PHE A 99 13.04 -2.15 -4.33
CA PHE A 99 12.40 -1.51 -3.18
C PHE A 99 11.42 -2.47 -2.52
N TYR A 100 11.09 -2.13 -1.28
CA TYR A 100 10.12 -2.87 -0.47
C TYR A 100 9.32 -1.85 0.31
N ILE A 101 8.00 -1.97 0.26
CA ILE A 101 7.11 -1.03 0.90
C ILE A 101 6.21 -1.86 1.81
N GLU A 102 5.97 -1.36 3.03
CA GLU A 102 5.11 -1.98 4.02
C GLU A 102 4.15 -0.89 4.48
N GLU A 103 2.84 -1.16 4.40
CA GLU A 103 1.79 -0.23 4.80
C GLU A 103 1.07 -0.83 5.99
N ASP A 104 0.69 0.03 6.96
CA ASP A 104 0.02 -0.42 8.18
C ASP A 104 -0.83 0.68 8.80
N ASN A 113 -5.76 7.89 7.18
CA ASN A 113 -4.38 7.85 6.69
C ASN A 113 -3.62 6.68 7.29
N THR A 114 -2.74 6.08 6.50
CA THR A 114 -1.91 4.98 6.97
C THR A 114 -0.47 5.34 6.70
N ARG A 115 0.43 4.74 7.48
CA ARG A 115 1.84 4.96 7.30
C ARG A 115 2.43 3.96 6.33
N LEU A 116 3.24 4.46 5.41
CA LEU A 116 4.00 3.64 4.48
C LEU A 116 5.49 3.76 4.79
N ILE A 117 6.15 2.62 4.95
CA ILE A 117 7.59 2.55 5.20
C ILE A 117 8.19 2.10 3.87
N ILE A 118 9.03 2.94 3.28
CA ILE A 118 9.65 2.69 1.97
C ILE A 118 11.13 2.39 2.22
N GLN A 119 11.56 1.20 1.83
CA GLN A 119 12.96 0.79 1.88
C GLN A 119 13.51 0.66 0.45
N VAL A 120 14.44 1.53 0.10
CA VAL A 120 15.02 1.60 -1.26
C VAL A 120 16.36 2.29 -1.08
N GLY A 121 17.34 1.87 -1.88
CA GLY A 121 18.61 2.59 -2.00
C GLY A 121 18.62 3.49 -3.22
N GLY A 122 19.82 3.82 -3.69
CA GLY A 122 19.87 4.57 -4.95
C GLY A 122 19.33 5.98 -4.82
N LYS A 123 18.78 6.51 -5.92
CA LYS A 123 18.49 7.92 -5.91
C LYS A 123 17.33 8.29 -4.99
N TYR A 124 16.43 7.35 -4.67
CA TYR A 124 15.29 7.63 -3.80
C TYR A 124 15.56 7.23 -2.35
N ALA A 125 16.81 6.93 -2.00
CA ALA A 125 17.11 6.38 -0.68
C ALA A 125 16.63 7.27 0.46
N ASP A 126 16.54 8.58 0.24
CA ASP A 126 16.11 9.46 1.33
C ASP A 126 14.67 9.23 1.75
N LEU A 127 13.87 8.47 0.98
CA LEU A 127 12.56 8.10 1.47
C LEU A 127 12.61 7.35 2.79
N GLN A 128 13.70 6.64 3.07
CA GLN A 128 13.83 5.93 4.35
C GLN A 128 13.82 6.86 5.54
N LYS A 129 14.15 8.12 5.34
CA LYS A 129 14.28 9.07 6.43
C LYS A 129 12.96 9.79 6.68
N MET A 130 11.94 9.52 5.86
CA MET A 130 10.71 10.26 5.87
C MET A 130 9.58 9.49 6.54
N TYR A 131 8.66 10.26 7.12
CA TYR A 131 7.41 9.73 7.66
C TYR A 131 6.34 9.89 6.58
N VAL A 132 6.01 8.78 5.93
CA VAL A 132 5.20 8.80 4.72
C VAL A 132 3.80 8.28 5.06
N LEU A 133 2.79 9.04 4.66
CA LEU A 133 1.39 8.72 4.91
C LEU A 133 0.70 8.51 3.56
N GLY A 134 -0.28 7.63 3.55
CA GLY A 134 -0.96 7.28 2.31
C GLY A 134 -2.46 7.19 2.51
N GLN A 135 -3.19 7.55 1.45
CA GLN A 135 -4.64 7.55 1.41
C GLN A 135 -5.06 6.61 0.29
N PRO A 136 -5.30 5.34 0.60
CA PRO A 136 -5.63 4.38 -0.47
C PRO A 136 -7.13 4.25 -0.69
N SER A 137 -7.46 4.02 -1.95
CA SER A 137 -8.83 3.71 -2.33
C SER A 137 -8.80 2.54 -3.30
N VAL A 138 -9.88 1.78 -3.32
CA VAL A 138 -10.02 0.62 -4.20
C VAL A 138 -11.29 0.76 -5.00
N ASN A 139 -11.21 0.49 -6.29
CA ASN A 139 -12.37 0.58 -7.15
C ASN A 139 -13.42 -0.45 -6.72
N GLU A 140 -14.67 -0.21 -7.13
CA GLU A 140 -15.77 -1.06 -6.66
C GLU A 140 -15.44 -2.53 -6.86
N GLU A 141 -14.98 -2.89 -8.06
CA GLU A 141 -14.72 -4.28 -8.43
C GLU A 141 -13.42 -4.82 -7.84
N ARG A 142 -12.67 -3.98 -7.14
CA ARG A 142 -11.52 -4.40 -6.36
C ARG A 142 -10.44 -5.01 -7.26
N THR A 143 -10.23 -4.38 -8.41
CA THR A 143 -9.15 -4.75 -9.30
C THR A 143 -8.01 -3.74 -9.30
N VAL A 144 -8.24 -2.53 -8.82
CA VAL A 144 -7.22 -1.49 -8.83
C VAL A 144 -7.31 -0.76 -7.50
N ALA A 145 -6.18 -0.62 -6.83
CA ALA A 145 -6.06 0.24 -5.66
C ALA A 145 -5.22 1.44 -6.08
N THR A 146 -5.59 2.63 -5.60
CA THR A 146 -4.80 3.84 -5.84
C THR A 146 -4.53 4.52 -4.51
N VAL A 147 -3.34 5.10 -4.38
CA VAL A 147 -2.97 5.77 -3.14
C VAL A 147 -2.15 7.01 -3.49
N GLU A 148 -2.41 8.11 -2.80
CA GLU A 148 -1.60 9.31 -2.85
C GLU A 148 -0.81 9.43 -1.56
N CYS A 149 0.49 9.62 -1.68
CA CYS A 149 1.41 9.60 -0.54
C CYS A 149 2.15 10.91 -0.40
N TRP A 150 2.27 11.36 0.86
CA TRP A 150 2.95 12.60 1.20
C TRP A 150 3.76 12.39 2.47
N SER A 151 4.82 13.17 2.61
CA SER A 151 5.65 13.13 3.80
C SER A 151 5.18 14.20 4.75
N HIS A 152 5.16 13.87 6.04
CA HIS A 152 4.90 14.85 7.07
C HIS A 152 6.26 15.21 7.66
N HIS A 153 6.61 16.48 7.57
CA HIS A 153 7.75 17.03 8.30
C HIS A 153 7.44 17.13 9.78
N HIS A 154 6.75 16.13 10.32
CA HIS A 154 6.35 16.01 11.72
C HIS A 154 6.18 17.33 12.46
#